data_5YKS
#
_entry.id   5YKS
#
_cell.length_a   91.920
_cell.length_b   99.075
_cell.length_c   118.656
_cell.angle_alpha   90.00
_cell.angle_beta   90.00
_cell.angle_gamma   90.00
#
_symmetry.space_group_name_H-M   'P 21 21 21'
#
_entity_poly.entity_id   1
_entity_poly.type   'polypeptide(L)'
_entity_poly.pdbx_seq_one_letter_code
;GSSHHHHHHSQDLEVLFQGPHMAGFKRGYDGKIAGLYDLDKTLGRGHFAVVKLARHVFTGEKVAVKVIDKTKLDTLATGH
LFQEVRCMKLVQHPNIVRLYEVIDTQTKLYLILELGDGGDMFDYIMKHEEGLNEDLAKKYFAQIVHAISYCHKLHVVHRD
LKPENVVFFEKQGLVKLTDFGFSNKFQPGKKLTTSCGSLAYSAPEILLGDEYDAPAVDIWSLGVILFMLVCGQPPFQEAN
DSETLTMIMDCKYTVPSHVSKECKDLITRMLQRDPKRRASLEEIENHPWLQGVDPSPATKYNIPLVSYKNLSEEEHNSII
QRMVLGDIADRDAIVEALETNRYNHITATYFLLAERILREKQEKEIQTRSASPSNIK
;
_entity_poly.pdbx_strand_id   A,B
#
# COMPACT_ATOMS: atom_id res chain seq x y z
N HIS A 9 -14.98 3.73 13.91
CA HIS A 9 -15.81 4.61 13.08
C HIS A 9 -14.97 5.74 12.52
N SER A 10 -14.49 6.63 13.40
CA SER A 10 -13.64 7.75 13.02
C SER A 10 -12.17 7.47 13.31
N GLN A 11 -11.80 6.21 13.45
CA GLN A 11 -10.41 5.79 13.58
C GLN A 11 -10.11 4.67 12.57
N ASP A 12 -10.60 4.83 11.33
CA ASP A 12 -10.45 3.78 10.32
C ASP A 12 -9.04 3.77 9.73
N LEU A 13 -8.55 4.93 9.28
CA LEU A 13 -7.14 5.04 8.96
C LEU A 13 -6.28 4.51 10.10
N GLU A 14 -6.75 4.71 11.32
CA GLU A 14 -6.00 4.27 12.50
C GLU A 14 -5.85 2.75 12.54
N VAL A 15 -6.91 2.02 12.20
CA VAL A 15 -6.80 0.56 12.26
C VAL A 15 -6.06 0.03 11.03
N LEU A 16 -6.25 0.66 9.87
CA LEU A 16 -5.45 0.30 8.71
C LEU A 16 -3.98 0.51 9.00
N PHE A 17 -3.58 1.76 9.31
CA PHE A 17 -2.18 2.13 9.36
C PHE A 17 -1.49 1.85 10.69
N GLN A 18 -2.23 1.76 11.80
CA GLN A 18 -1.64 1.53 13.11
C GLN A 18 -2.09 0.24 13.78
N GLY A 19 -2.92 -0.58 13.12
CA GLY A 19 -3.47 -1.75 13.74
C GLY A 19 -2.42 -2.82 14.03
N PRO A 20 -2.88 -3.96 14.58
CA PRO A 20 -1.95 -5.00 15.06
C PRO A 20 -1.28 -5.79 13.94
N HIS A 21 -1.63 -5.55 12.69
CA HIS A 21 -1.07 -6.32 11.58
C HIS A 21 0.24 -5.75 11.09
N MET A 22 0.78 -4.74 11.78
CA MET A 22 2.04 -4.10 11.42
C MET A 22 3.09 -4.25 12.52
N GLY A 46 6.40 7.31 10.16
CA GLY A 46 5.11 6.80 9.75
C GLY A 46 4.87 7.14 8.30
N HIS A 47 5.34 6.29 7.40
CA HIS A 47 5.37 6.61 5.98
C HIS A 47 5.11 5.32 5.21
N PHE A 48 4.07 5.32 4.38
CA PHE A 48 3.65 4.11 3.71
C PHE A 48 3.49 4.37 2.23
N ALA A 49 3.56 3.30 1.45
CA ALA A 49 3.18 3.33 0.06
C ALA A 49 1.86 2.58 -0.07
N VAL A 50 0.95 3.16 -0.84
CA VAL A 50 -0.29 2.50 -1.22
C VAL A 50 -0.13 2.21 -2.70
N VAL A 51 -0.21 0.92 -3.07
CA VAL A 51 0.04 0.50 -4.44
C VAL A 51 -1.08 -0.40 -4.94
N LYS A 52 -1.67 -0.03 -6.07
CA LYS A 52 -2.68 -0.89 -6.68
C LYS A 52 -2.05 -2.19 -7.18
N LEU A 53 -2.69 -3.31 -6.85
CA LEU A 53 -2.19 -4.60 -7.29
C LEU A 53 -2.92 -5.06 -8.55
N ALA A 54 -2.27 -5.97 -9.27
CA ALA A 54 -2.79 -6.57 -10.48
C ALA A 54 -2.34 -8.02 -10.45
N ARG A 55 -3.30 -8.95 -10.42
CA ARG A 55 -2.98 -10.36 -10.29
C ARG A 55 -1.91 -10.58 -9.21
N HIS A 56 -1.99 -9.80 -8.14
CA HIS A 56 -1.19 -9.86 -6.91
C HIS A 56 0.23 -9.35 -7.03
N VAL A 57 0.57 -8.60 -8.06
CA VAL A 57 1.89 -7.97 -8.13
C VAL A 57 1.71 -6.46 -8.26
N PHE A 58 2.74 -5.73 -7.79
CA PHE A 58 2.75 -4.27 -7.86
C PHE A 58 2.59 -3.80 -9.29
N THR A 59 1.88 -2.67 -9.45
CA THR A 59 1.86 -1.88 -10.67
C THR A 59 2.56 -0.55 -10.39
N GLY A 60 2.38 0.46 -11.23
CA GLY A 60 2.90 1.77 -10.96
C GLY A 60 1.89 2.79 -10.47
N GLU A 61 0.64 2.40 -10.25
CA GLU A 61 -0.33 3.31 -9.66
C GLU A 61 -0.12 3.32 -8.16
N LYS A 62 0.45 4.41 -7.65
CA LYS A 62 0.89 4.42 -6.26
C LYS A 62 0.85 5.82 -5.70
N VAL A 63 0.66 5.91 -4.39
CA VAL A 63 0.83 7.14 -3.64
C VAL A 63 1.48 6.77 -2.33
N ALA A 64 2.11 7.75 -1.71
CA ALA A 64 2.58 7.63 -0.35
C ALA A 64 1.52 8.18 0.61
N VAL A 65 1.71 7.88 1.88
CA VAL A 65 0.86 8.32 2.96
C VAL A 65 1.78 8.60 4.14
N LYS A 66 1.79 9.83 4.64
CA LYS A 66 2.57 10.16 5.82
C LYS A 66 1.65 10.35 7.02
N VAL A 67 2.01 9.74 8.14
CA VAL A 67 1.23 9.76 9.37
C VAL A 67 1.97 10.61 10.38
N ILE A 68 1.33 11.68 10.84
CA ILE A 68 1.90 12.62 11.80
C ILE A 68 1.18 12.47 13.13
N ASP A 69 1.95 12.42 14.22
CA ASP A 69 1.42 12.15 15.56
C ASP A 69 1.00 13.46 16.21
N LYS A 70 -0.31 13.77 16.16
CA LYS A 70 -0.80 15.01 16.74
C LYS A 70 -0.55 15.06 18.25
N THR A 71 -0.67 13.91 18.91
CA THR A 71 -0.63 13.85 20.38
C THR A 71 0.65 14.48 20.91
N LYS A 72 1.80 14.11 20.34
CA LYS A 72 3.08 14.70 20.76
C LYS A 72 3.21 16.14 20.25
N LEU A 73 2.26 17.00 20.62
CA LEU A 73 2.23 18.41 20.24
C LEU A 73 1.07 19.08 20.97
N ASP A 74 1.24 20.38 21.23
CA ASP A 74 0.21 21.18 21.89
C ASP A 74 -0.85 21.63 20.89
N THR A 75 -1.99 22.09 21.41
CA THR A 75 -3.06 22.57 20.52
C THR A 75 -2.69 23.89 19.85
N LEU A 76 -1.81 24.67 20.49
CA LEU A 76 -1.25 25.82 19.79
C LEU A 76 -0.32 25.37 18.66
N ALA A 77 0.50 24.35 18.90
CA ALA A 77 1.38 23.82 17.86
C ALA A 77 0.62 22.99 16.83
N THR A 78 -0.38 22.21 17.27
CA THR A 78 -1.20 21.43 16.34
C THR A 78 -2.05 22.31 15.44
N GLY A 79 -2.47 23.50 15.93
CA GLY A 79 -3.15 24.44 15.05
C GLY A 79 -2.25 25.02 13.98
N HIS A 80 -0.97 25.23 14.31
CA HIS A 80 -0.01 25.78 13.34
C HIS A 80 0.44 24.73 12.34
N LEU A 81 0.45 23.45 12.73
CA LEU A 81 0.81 22.41 11.79
C LEU A 81 -0.25 22.25 10.69
N PHE A 82 -1.53 22.27 11.06
CA PHE A 82 -2.55 22.03 10.06
C PHE A 82 -2.63 23.19 9.06
N GLN A 83 -2.39 24.42 9.53
CA GLN A 83 -2.40 25.53 8.56
C GLN A 83 -1.20 25.43 7.64
N GLU A 84 -0.08 24.93 8.17
CA GLU A 84 1.17 24.86 7.41
C GLU A 84 1.09 23.80 6.33
N VAL A 85 0.37 22.71 6.57
CA VAL A 85 0.28 21.66 5.55
C VAL A 85 -0.86 21.92 4.59
N ARG A 86 -1.97 22.53 5.05
CA ARG A 86 -3.03 22.88 4.11
C ARG A 86 -2.48 23.77 3.01
N CYS A 87 -1.71 24.79 3.40
CA CYS A 87 -1.04 25.64 2.43
C CYS A 87 -0.33 24.83 1.34
N MET A 88 0.27 23.71 1.72
CA MET A 88 1.11 22.97 0.79
C MET A 88 0.32 22.39 -0.39
N LYS A 89 -0.97 22.08 -0.20
CA LYS A 89 -1.77 21.54 -1.31
C LYS A 89 -1.79 22.48 -2.50
N LEU A 90 -1.40 23.73 -2.30
CA LEU A 90 -1.45 24.71 -3.36
C LEU A 90 -0.14 24.78 -4.14
N VAL A 91 0.96 24.33 -3.54
CA VAL A 91 2.22 24.18 -4.26
C VAL A 91 2.05 23.22 -5.41
N GLN A 92 2.53 23.60 -6.60
CA GLN A 92 2.49 22.70 -7.74
C GLN A 92 3.74 22.97 -8.59
N HIS A 93 4.73 22.09 -8.49
CA HIS A 93 5.98 22.23 -9.21
C HIS A 93 6.48 20.84 -9.58
N PRO A 94 7.21 20.70 -10.69
CA PRO A 94 7.72 19.37 -11.06
C PRO A 94 8.78 18.83 -10.12
N ASN A 95 9.51 19.70 -9.42
CA ASN A 95 10.57 19.27 -8.53
C ASN A 95 10.19 19.36 -7.07
N ILE A 96 8.91 19.48 -6.77
CA ILE A 96 8.39 19.44 -5.41
C ILE A 96 7.31 18.37 -5.34
N VAL A 97 7.37 17.57 -4.28
CA VAL A 97 6.45 16.45 -4.12
C VAL A 97 5.05 16.97 -3.84
N ARG A 98 4.09 16.59 -4.67
CA ARG A 98 2.71 17.04 -4.48
C ARG A 98 2.10 16.46 -3.19
N LEU A 99 1.37 17.32 -2.49
CA LEU A 99 0.49 16.93 -1.39
C LEU A 99 -0.92 16.87 -1.94
N TYR A 100 -1.44 15.66 -2.12
CA TYR A 100 -2.77 15.51 -2.69
C TYR A 100 -3.87 15.84 -1.69
N GLU A 101 -3.78 15.32 -0.47
CA GLU A 101 -4.79 15.51 0.55
C GLU A 101 -4.16 15.59 1.93
N VAL A 102 -4.89 16.22 2.83
CA VAL A 102 -4.66 16.11 4.27
C VAL A 102 -5.95 15.57 4.89
N ILE A 103 -5.81 14.54 5.70
CA ILE A 103 -6.95 13.95 6.39
C ILE A 103 -6.67 14.06 7.87
N ASP A 104 -7.51 14.84 8.58
CA ASP A 104 -7.37 15.09 10.01
C ASP A 104 -8.05 13.99 10.82
N THR A 105 -7.44 13.67 11.96
CA THR A 105 -8.03 12.75 12.93
C THR A 105 -7.88 13.42 14.29
N GLN A 106 -8.69 12.98 15.25
CA GLN A 106 -8.42 13.35 16.63
C GLN A 106 -6.94 13.16 16.94
N THR A 107 -6.47 11.93 16.88
CA THR A 107 -5.12 11.61 17.34
C THR A 107 -4.02 11.85 16.30
N LYS A 108 -4.32 11.80 14.99
CA LYS A 108 -3.25 11.79 13.99
C LYS A 108 -3.63 12.61 12.76
N LEU A 109 -2.65 12.78 11.88
CA LEU A 109 -2.81 13.53 10.65
C LEU A 109 -2.17 12.76 9.49
N TYR A 110 -2.88 12.69 8.36
CA TYR A 110 -2.50 11.86 7.23
C TYR A 110 -2.28 12.71 6.00
N LEU A 111 -1.11 12.57 5.36
CA LEU A 111 -0.82 13.31 4.13
C LEU A 111 -0.68 12.33 2.99
N ILE A 112 -1.52 12.47 1.96
CA ILE A 112 -1.41 11.64 0.77
C ILE A 112 -0.47 12.32 -0.22
N LEU A 113 0.62 11.64 -0.56
CA LEU A 113 1.77 12.25 -1.20
C LEU A 113 2.18 11.47 -2.44
N GLU A 114 2.91 12.17 -3.30
CA GLU A 114 3.53 11.59 -4.48
C GLU A 114 4.62 10.63 -4.03
N LEU A 115 4.72 9.48 -4.70
CA LEU A 115 5.64 8.43 -4.28
C LEU A 115 6.80 8.29 -5.26
N GLY A 116 8.02 8.28 -4.73
CA GLY A 116 9.20 8.25 -5.56
C GLY A 116 9.58 6.84 -5.96
N ASP A 117 10.73 6.73 -6.63
CA ASP A 117 11.24 5.44 -7.11
C ASP A 117 12.58 5.09 -6.49
N GLY A 118 13.61 5.93 -6.57
CA GLY A 118 14.89 5.49 -6.03
C GLY A 118 15.42 6.04 -4.72
N GLY A 119 14.64 5.98 -3.64
CA GLY A 119 15.09 6.48 -2.34
C GLY A 119 15.44 7.98 -2.33
N ASP A 120 16.12 8.35 -1.25
CA ASP A 120 16.55 9.72 -1.01
C ASP A 120 17.94 9.98 -1.58
N MET A 121 18.32 11.26 -1.57
CA MET A 121 19.62 11.73 -2.03
C MET A 121 20.71 11.54 -0.97
N PHE A 122 20.34 11.23 0.28
CA PHE A 122 21.37 11.00 1.27
C PHE A 122 21.96 9.61 1.12
N ASP A 123 21.14 8.61 0.81
CA ASP A 123 21.72 7.29 0.60
C ASP A 123 22.57 7.24 -0.66
N TYR A 124 22.17 7.99 -1.69
CA TYR A 124 22.98 8.07 -2.90
C TYR A 124 24.36 8.61 -2.61
N ILE A 125 24.45 9.69 -1.82
CA ILE A 125 25.75 10.22 -1.46
C ILE A 125 26.54 9.26 -0.58
N MET A 126 25.86 8.46 0.25
CA MET A 126 26.60 7.47 1.03
C MET A 126 27.24 6.43 0.12
N LYS A 127 26.66 6.21 -1.05
CA LYS A 127 27.22 5.29 -2.02
C LYS A 127 28.35 5.91 -2.82
N HIS A 128 28.79 7.14 -2.47
CA HIS A 128 29.82 7.89 -3.22
C HIS A 128 30.72 8.61 -2.20
N GLU A 129 31.59 7.83 -1.53
CA GLU A 129 32.31 8.31 -0.36
C GLU A 129 33.16 9.55 -0.62
N GLU A 130 33.53 9.85 -1.87
CA GLU A 130 34.36 11.02 -2.13
C GLU A 130 33.68 12.00 -3.08
N GLY A 131 32.36 11.91 -3.22
CA GLY A 131 31.66 12.90 -3.99
C GLY A 131 31.17 12.36 -5.34
N LEU A 132 30.20 13.06 -5.90
CA LEU A 132 29.75 12.79 -7.25
C LEU A 132 30.61 13.56 -8.23
N ASN A 133 30.69 13.06 -9.45
CA ASN A 133 31.30 13.85 -10.49
C ASN A 133 30.52 15.14 -10.64
N GLU A 134 31.24 16.24 -10.86
CA GLU A 134 30.59 17.55 -10.84
C GLU A 134 29.51 17.65 -11.92
N ASP A 135 29.74 17.08 -13.10
CA ASP A 135 28.72 17.18 -14.15
C ASP A 135 27.41 16.53 -13.72
N LEU A 136 27.49 15.42 -12.99
CA LEU A 136 26.27 14.82 -12.47
C LEU A 136 25.69 15.61 -11.30
N ALA A 137 26.55 16.12 -10.42
CA ALA A 137 26.09 16.98 -9.34
C ALA A 137 25.26 18.14 -9.88
N LYS A 138 25.79 18.84 -10.89
CA LYS A 138 25.09 19.97 -11.50
C LYS A 138 23.64 19.64 -11.79
N LYS A 139 23.39 18.45 -12.32
CA LYS A 139 22.04 18.10 -12.75
C LYS A 139 21.09 18.00 -11.57
N TYR A 140 21.55 17.40 -10.46
CA TYR A 140 20.73 17.33 -9.26
C TYR A 140 20.57 18.71 -8.62
N PHE A 141 21.65 19.45 -8.46
CA PHE A 141 21.57 20.70 -7.73
C PHE A 141 20.75 21.75 -8.48
N ALA A 142 20.87 21.77 -9.80
CA ALA A 142 20.03 22.70 -10.58
C ALA A 142 18.56 22.46 -10.28
N GLN A 143 18.14 21.20 -10.19
CA GLN A 143 16.75 20.90 -9.88
C GLN A 143 16.38 21.37 -8.47
N ILE A 144 17.24 21.07 -7.49
CA ILE A 144 17.00 21.55 -6.14
C ILE A 144 16.84 23.06 -6.15
N VAL A 145 17.83 23.76 -6.69
CA VAL A 145 17.80 25.22 -6.67
C VAL A 145 16.58 25.72 -7.42
N HIS A 146 16.24 25.10 -8.54
CA HIS A 146 15.06 25.53 -9.27
C HIS A 146 13.81 25.40 -8.41
N ALA A 147 13.76 24.37 -7.57
CA ALA A 147 12.61 24.16 -6.70
C ALA A 147 12.52 25.24 -5.63
N ILE A 148 13.56 25.37 -4.81
CA ILE A 148 13.54 26.38 -3.76
C ILE A 148 13.45 27.78 -4.36
N SER A 149 14.09 27.99 -5.51
CA SER A 149 13.93 29.28 -6.17
C SER A 149 12.46 29.58 -6.45
N TYR A 150 11.69 28.57 -6.85
CA TYR A 150 10.25 28.76 -7.04
C TYR A 150 9.57 29.02 -5.69
N CYS A 151 9.87 28.22 -4.68
CA CYS A 151 9.33 28.44 -3.35
C CYS A 151 9.50 29.89 -2.91
N HIS A 152 10.74 30.38 -2.92
CA HIS A 152 11.01 31.69 -2.35
C HIS A 152 10.32 32.81 -3.11
N LYS A 153 9.97 32.63 -4.37
CA LYS A 153 9.20 33.67 -5.06
C LYS A 153 7.73 33.64 -4.69
N LEU A 154 7.28 32.58 -4.01
CA LEU A 154 5.91 32.43 -3.54
C LEU A 154 5.83 32.45 -2.04
N HIS A 155 6.88 32.90 -1.39
CA HIS A 155 6.92 33.03 0.06
C HIS A 155 6.71 31.69 0.77
N VAL A 156 6.90 30.58 0.04
CA VAL A 156 7.08 29.26 0.64
C VAL A 156 8.56 29.08 0.94
N VAL A 157 8.84 28.42 2.06
CA VAL A 157 10.19 28.34 2.61
C VAL A 157 10.33 26.98 3.31
N HIS A 158 11.43 26.27 3.04
CA HIS A 158 11.49 24.88 3.43
C HIS A 158 11.89 24.69 4.90
N ARG A 159 12.93 25.39 5.36
CA ARG A 159 13.37 25.39 6.77
C ARG A 159 14.08 24.13 7.25
N ASP A 160 13.94 23.02 6.52
CA ASP A 160 14.54 21.75 6.95
C ASP A 160 15.20 21.06 5.78
N LEU A 161 15.96 21.81 5.00
CA LEU A 161 16.45 21.32 3.73
C LEU A 161 17.68 20.44 3.93
N LYS A 162 17.54 19.14 3.68
CA LYS A 162 18.59 18.15 3.86
C LYS A 162 18.57 17.23 2.65
N PRO A 163 19.67 16.52 2.38
CA PRO A 163 19.62 15.49 1.32
C PRO A 163 18.60 14.41 1.59
N GLU A 164 18.32 14.13 2.86
CA GLU A 164 17.24 13.21 3.18
C GLU A 164 15.89 13.70 2.67
N ASN A 165 15.73 15.01 2.44
CA ASN A 165 14.48 15.55 1.91
C ASN A 165 14.59 15.86 0.42
N VAL A 166 15.52 15.22 -0.27
CA VAL A 166 15.60 15.23 -1.72
C VAL A 166 15.40 13.80 -2.18
N VAL A 167 14.47 13.59 -3.11
CA VAL A 167 13.88 12.28 -3.34
C VAL A 167 13.96 11.95 -4.82
N PHE A 168 14.22 10.69 -5.14
CA PHE A 168 14.37 10.28 -6.53
C PHE A 168 13.03 9.88 -7.14
N PHE A 169 12.80 10.34 -8.36
CA PHE A 169 11.77 9.84 -9.26
C PHE A 169 12.52 9.36 -10.49
N GLU A 170 13.10 8.15 -10.37
CA GLU A 170 14.10 7.71 -11.35
C GLU A 170 13.48 7.51 -12.72
N LYS A 171 12.29 6.90 -12.79
CA LYS A 171 11.65 6.63 -14.07
C LYS A 171 11.40 7.90 -14.85
N GLN A 172 11.27 9.04 -14.16
CA GLN A 172 11.10 10.35 -14.77
C GLN A 172 12.40 11.13 -14.94
N GLY A 173 13.48 10.71 -14.30
CA GLY A 173 14.71 11.49 -14.36
C GLY A 173 14.67 12.76 -13.55
N LEU A 174 13.98 12.74 -12.41
CA LEU A 174 13.78 13.90 -11.56
C LEU A 174 14.26 13.65 -10.12
N VAL A 175 14.66 14.72 -9.46
CA VAL A 175 14.67 14.77 -8.00
C VAL A 175 13.60 15.78 -7.56
N LYS A 176 13.04 15.57 -6.37
CA LYS A 176 12.01 16.45 -5.84
C LYS A 176 12.23 16.65 -4.36
N LEU A 177 11.91 17.86 -3.90
CA LEU A 177 11.95 18.15 -2.47
C LEU A 177 10.68 17.66 -1.78
N THR A 178 10.84 17.08 -0.61
CA THR A 178 9.67 16.64 0.14
C THR A 178 9.85 17.02 1.60
N ASP A 179 8.83 16.72 2.41
CA ASP A 179 8.88 16.87 3.85
C ASP A 179 9.26 18.30 4.25
N PHE A 180 8.52 19.25 3.72
CA PHE A 180 8.72 20.64 4.14
C PHE A 180 8.64 20.76 5.64
N GLY A 181 9.38 21.72 6.19
CA GLY A 181 9.48 21.90 7.63
C GLY A 181 8.17 22.30 8.28
N PHE A 182 7.86 21.66 9.40
CA PHE A 182 6.66 21.91 10.21
C PHE A 182 5.32 21.66 9.45
N SER A 198 21.13 16.06 13.36
CA SER A 198 20.44 17.10 12.62
C SER A 198 21.26 18.40 12.60
N LEU A 199 22.38 18.38 13.34
CA LEU A 199 23.14 19.60 13.61
C LEU A 199 23.94 20.08 12.39
N ALA A 200 24.40 19.16 11.53
CA ALA A 200 25.23 19.55 10.40
C ALA A 200 24.52 20.53 9.48
N TYR A 201 23.25 20.25 9.17
CA TYR A 201 22.52 20.98 8.14
C TYR A 201 21.98 22.33 8.62
N SER A 202 22.10 22.63 9.91
CA SER A 202 21.47 23.81 10.48
C SER A 202 22.37 25.03 10.28
N ALA A 203 21.80 26.08 9.69
CA ALA A 203 22.52 27.34 9.57
C ALA A 203 22.95 27.80 10.96
N PRO A 204 24.11 28.46 11.09
CA PRO A 204 24.65 28.70 12.44
C PRO A 204 23.84 29.72 13.23
N GLU A 205 23.08 30.59 12.55
CA GLU A 205 22.18 31.50 13.26
C GLU A 205 21.07 30.74 13.97
N ILE A 206 20.58 29.66 13.35
CA ILE A 206 19.59 28.81 13.98
C ILE A 206 20.09 28.29 15.33
N LEU A 207 21.38 27.98 15.42
CA LEU A 207 21.96 27.46 16.66
C LEU A 207 22.10 28.55 17.72
N LEU A 208 22.16 29.82 17.31
CA LEU A 208 22.19 30.91 18.28
C LEU A 208 20.80 31.23 18.82
N GLY A 209 19.75 30.83 18.12
CA GLY A 209 18.40 31.11 18.53
C GLY A 209 17.87 32.48 18.17
N ASP A 210 18.68 33.33 17.52
CA ASP A 210 18.27 34.69 17.18
C ASP A 210 17.30 34.70 16.01
N GLU A 211 16.54 35.80 15.91
CA GLU A 211 15.54 35.95 14.85
C GLU A 211 16.17 35.79 13.47
N TYR A 212 15.54 34.97 12.63
CA TYR A 212 16.06 34.52 11.35
C TYR A 212 15.31 35.16 10.19
N ASP A 213 15.99 35.35 9.06
CA ASP A 213 15.35 35.62 7.77
C ASP A 213 15.23 34.29 7.06
N ALA A 214 14.03 33.73 7.04
CA ALA A 214 13.85 32.34 6.64
C ALA A 214 14.42 32.00 5.27
N PRO A 215 14.35 32.87 4.25
CA PRO A 215 14.96 32.49 2.96
C PRO A 215 16.46 32.26 3.02
N ALA A 216 17.18 32.98 3.88
CA ALA A 216 18.63 32.80 3.97
C ALA A 216 19.01 31.46 4.59
N VAL A 217 18.17 30.90 5.46
CA VAL A 217 18.50 29.61 6.05
C VAL A 217 18.42 28.52 5.00
N ASP A 218 17.47 28.64 4.08
CA ASP A 218 17.44 27.70 2.97
C ASP A 218 18.71 27.82 2.11
N ILE A 219 19.16 29.05 1.86
CA ILE A 219 20.40 29.25 1.10
C ILE A 219 21.59 28.57 1.78
N TRP A 220 21.68 28.67 3.10
CA TRP A 220 22.73 27.92 3.78
C TRP A 220 22.53 26.43 3.57
N SER A 221 21.35 25.92 3.90
CA SER A 221 21.09 24.50 3.72
C SER A 221 21.31 24.07 2.26
N LEU A 222 21.16 25.02 1.34
CA LEU A 222 21.53 24.76 -0.05
C LEU A 222 23.04 24.57 -0.18
N GLY A 223 23.82 25.34 0.59
CA GLY A 223 25.27 25.24 0.50
C GLY A 223 25.79 23.93 1.08
N VAL A 224 25.20 23.49 2.19
CA VAL A 224 25.57 22.19 2.74
C VAL A 224 25.24 21.09 1.75
N ILE A 225 24.25 21.30 0.90
CA ILE A 225 23.85 20.24 -0.01
C ILE A 225 24.83 20.16 -1.17
N LEU A 226 25.23 21.32 -1.71
CA LEU A 226 26.23 21.34 -2.76
C LEU A 226 27.51 20.69 -2.30
N PHE A 227 27.98 21.06 -1.10
CA PHE A 227 29.19 20.44 -0.56
C PHE A 227 29.07 18.93 -0.58
N MET A 228 27.98 18.40 -0.02
CA MET A 228 27.90 16.95 0.14
C MET A 228 27.80 16.23 -1.20
N LEU A 229 27.24 16.89 -2.21
CA LEU A 229 27.20 16.28 -3.54
C LEU A 229 28.60 16.07 -4.10
N VAL A 230 29.49 17.03 -3.87
CA VAL A 230 30.79 17.02 -4.52
C VAL A 230 31.91 16.46 -3.65
N CYS A 231 31.65 16.17 -2.36
CA CYS A 231 32.62 15.48 -1.52
C CYS A 231 32.13 14.17 -0.93
N GLY A 232 30.83 13.93 -0.93
CA GLY A 232 30.29 12.76 -0.29
C GLY A 232 30.41 12.76 1.21
N GLN A 233 30.76 13.89 1.80
CA GLN A 233 30.86 14.04 3.25
C GLN A 233 30.25 15.37 3.65
N PRO A 234 29.70 15.48 4.85
CA PRO A 234 29.16 16.76 5.31
C PRO A 234 30.28 17.77 5.51
N PRO A 235 29.99 19.06 5.42
CA PRO A 235 31.05 20.06 5.57
C PRO A 235 31.49 20.31 7.00
N PHE A 236 30.67 19.96 8.00
CA PHE A 236 31.05 20.11 9.40
C PHE A 236 30.79 18.80 10.15
N GLN A 237 31.87 18.06 10.46
CA GLN A 237 31.74 16.78 11.17
C GLN A 237 32.99 16.52 12.00
N GLU A 238 32.87 16.61 13.33
CA GLU A 238 33.92 16.24 14.28
C GLU A 238 33.34 15.21 15.26
N ALA A 239 34.19 14.69 16.16
CA ALA A 239 33.75 13.62 17.06
C ALA A 239 32.63 14.08 17.98
N ASN A 240 32.85 15.17 18.72
CA ASN A 240 31.87 15.66 19.67
C ASN A 240 30.86 16.54 18.96
N ASP A 241 29.57 16.34 19.27
CA ASP A 241 28.55 17.28 18.84
C ASP A 241 28.91 18.71 19.23
N SER A 242 29.71 18.87 20.29
CA SER A 242 30.11 20.19 20.75
C SER A 242 31.22 20.77 19.88
N GLU A 243 32.29 20.00 19.67
CA GLU A 243 33.36 20.44 18.78
C GLU A 243 32.79 20.90 17.44
N THR A 244 31.91 20.07 16.86
CA THR A 244 31.25 20.41 15.60
C THR A 244 30.65 21.80 15.63
N LEU A 245 29.87 22.10 16.67
CA LEU A 245 29.12 23.36 16.74
C LEU A 245 30.03 24.57 16.55
N THR A 246 31.23 24.54 17.13
CA THR A 246 32.16 25.66 16.97
C THR A 246 32.46 25.90 15.50
N MET A 247 32.88 24.83 14.80
CA MET A 247 33.15 24.90 13.37
C MET A 247 32.02 25.59 12.62
N ILE A 248 30.78 25.15 12.84
CA ILE A 248 29.64 25.70 12.11
C ILE A 248 29.49 27.18 12.41
N MET A 249 29.67 27.57 13.69
CA MET A 249 29.67 28.98 14.07
C MET A 249 30.82 29.71 13.39
N ASP A 250 32.02 29.14 13.47
CA ASP A 250 33.16 29.72 12.77
C ASP A 250 32.88 29.82 11.26
N CYS A 251 32.32 28.73 10.68
CA CYS A 251 32.03 28.54 9.25
C CYS A 251 33.35 28.18 8.56
N LYS A 252 34.09 27.29 9.18
CA LYS A 252 35.40 26.85 8.70
C LYS A 252 35.28 25.42 8.14
N TYR A 253 35.44 25.30 6.82
CA TYR A 253 35.43 24.03 6.11
C TYR A 253 36.52 24.05 5.04
N THR A 254 37.00 22.86 4.67
CA THR A 254 37.95 22.71 3.57
C THR A 254 37.27 22.07 2.37
N VAL A 255 37.44 22.67 1.20
CA VAL A 255 36.98 22.13 -0.07
C VAL A 255 38.10 21.30 -0.71
N PRO A 256 37.86 20.04 -1.10
CA PRO A 256 38.94 19.22 -1.68
C PRO A 256 39.49 19.76 -3.01
N SER A 257 40.75 19.37 -3.30
CA SER A 257 41.49 20.03 -4.39
C SER A 257 40.88 19.75 -5.76
N HIS A 258 40.17 18.64 -5.90
CA HIS A 258 39.63 18.33 -7.20
C HIS A 258 38.40 19.15 -7.56
N VAL A 259 37.83 19.92 -6.63
CA VAL A 259 36.62 20.68 -6.92
C VAL A 259 37.00 21.93 -7.70
N SER A 260 36.31 22.16 -8.81
CA SER A 260 36.66 23.25 -9.72
C SER A 260 36.64 24.60 -9.02
N LYS A 261 37.29 25.58 -9.68
CA LYS A 261 37.37 26.93 -9.14
C LYS A 261 35.99 27.57 -9.10
N GLU A 262 35.19 27.40 -10.16
CA GLU A 262 33.83 27.94 -10.20
C GLU A 262 32.99 27.37 -9.06
N CYS A 263 32.87 26.05 -9.00
CA CYS A 263 32.01 25.42 -7.99
C CYS A 263 32.50 25.71 -6.59
N LYS A 264 33.81 25.88 -6.39
CA LYS A 264 34.28 26.28 -5.07
C LYS A 264 33.72 27.64 -4.68
N ASP A 265 33.57 28.52 -5.66
CA ASP A 265 33.15 29.88 -5.38
C ASP A 265 31.67 29.91 -4.99
N LEU A 266 30.86 29.12 -5.70
CA LEU A 266 29.45 29.00 -5.38
C LEU A 266 29.25 28.54 -3.94
N ILE A 267 30.09 27.63 -3.44
CA ILE A 267 29.91 27.15 -2.09
C ILE A 267 30.19 28.24 -1.08
N THR A 268 31.24 29.02 -1.31
CA THR A 268 31.54 30.09 -0.35
C THR A 268 30.51 31.21 -0.43
N ARG A 269 29.77 31.32 -1.53
CA ARG A 269 28.70 32.31 -1.65
C ARG A 269 27.43 31.90 -0.92
N MET A 270 27.29 30.63 -0.55
CA MET A 270 26.12 30.20 0.21
C MET A 270 26.44 29.91 1.66
N LEU A 271 27.68 29.50 1.96
CA LEU A 271 28.06 29.11 3.31
C LEU A 271 28.96 30.19 3.90
N GLN A 272 28.36 31.35 4.20
CA GLN A 272 29.04 32.39 4.94
C GLN A 272 28.38 32.54 6.31
N ARG A 273 29.19 32.88 7.32
CA ARG A 273 28.69 32.90 8.70
C ARG A 273 27.52 33.85 8.90
N ASP A 274 27.38 34.87 8.04
CA ASP A 274 26.42 35.94 8.26
C ASP A 274 25.29 35.88 7.25
N PRO A 275 24.05 35.70 7.72
CA PRO A 275 22.91 35.52 6.80
C PRO A 275 22.72 36.64 5.81
N LYS A 276 23.33 37.81 6.03
CA LYS A 276 23.15 38.89 5.06
C LYS A 276 24.09 38.79 3.86
N ARG A 277 25.25 38.13 4.03
CA ARG A 277 26.24 38.01 2.94
C ARG A 277 25.95 36.84 2.00
N ARG A 278 25.06 35.92 2.36
CA ARG A 278 24.72 34.80 1.50
C ARG A 278 24.10 35.31 0.22
N ALA A 279 23.89 34.41 -0.71
CA ALA A 279 23.53 34.79 -2.07
C ALA A 279 22.03 34.63 -2.29
N SER A 280 21.42 35.62 -2.94
CA SER A 280 20.05 35.47 -3.38
C SER A 280 20.01 34.47 -4.55
N LEU A 281 18.81 34.02 -4.90
CA LEU A 281 18.72 32.91 -5.84
C LEU A 281 19.01 33.33 -7.29
N GLU A 282 18.75 34.57 -7.69
CA GLU A 282 19.11 34.94 -9.07
C GLU A 282 20.61 34.78 -9.30
N GLU A 283 21.41 35.01 -8.26
CA GLU A 283 22.85 34.80 -8.36
C GLU A 283 23.17 33.32 -8.49
N ILE A 284 22.59 32.49 -7.63
CA ILE A 284 22.83 31.05 -7.67
C ILE A 284 22.28 30.45 -8.96
N GLU A 285 21.05 30.82 -9.33
CA GLU A 285 20.45 30.27 -10.54
C GLU A 285 21.31 30.49 -11.77
N ASN A 286 22.00 31.62 -11.83
CA ASN A 286 22.74 32.02 -13.02
C ASN A 286 24.24 31.85 -12.84
N HIS A 287 24.68 31.32 -11.70
CA HIS A 287 26.10 31.09 -11.45
C HIS A 287 26.75 30.39 -12.64
N PRO A 288 28.01 30.72 -12.96
CA PRO A 288 28.69 30.04 -14.07
C PRO A 288 28.58 28.52 -14.02
N TRP A 289 28.79 27.94 -12.84
CA TRP A 289 28.82 26.49 -12.68
C TRP A 289 27.58 25.83 -13.24
N LEU A 290 26.43 26.51 -13.16
CA LEU A 290 25.12 25.96 -13.53
C LEU A 290 24.72 26.28 -14.96
N GLN A 291 25.37 27.25 -15.61
CA GLN A 291 25.15 27.53 -17.02
C GLN A 291 25.28 26.26 -17.86
N GLY A 292 24.60 26.24 -19.01
CA GLY A 292 24.56 25.09 -19.87
C GLY A 292 23.52 24.05 -19.51
N VAL A 293 23.23 23.88 -18.21
CA VAL A 293 22.30 22.85 -17.79
C VAL A 293 20.87 23.32 -18.08
N ASP A 294 20.20 22.66 -19.01
CA ASP A 294 18.79 22.94 -19.27
C ASP A 294 17.95 21.78 -18.76
N ASN A 302 6.74 28.55 -16.78
CA ASN A 302 8.11 29.06 -16.76
C ASN A 302 8.50 29.49 -15.34
N ILE A 303 8.87 30.75 -15.17
CA ILE A 303 9.20 31.34 -13.87
C ILE A 303 7.91 31.93 -13.29
N PRO A 304 7.75 31.99 -11.96
CA PRO A 304 6.41 32.31 -11.40
C PRO A 304 5.91 33.70 -11.76
N LEU A 305 4.62 33.78 -12.08
CA LEU A 305 4.04 35.02 -12.58
C LEU A 305 4.03 36.11 -11.51
N VAL A 306 3.98 35.72 -10.24
CA VAL A 306 3.99 36.64 -9.10
C VAL A 306 5.23 37.52 -9.09
N SER A 307 6.27 37.07 -9.81
CA SER A 307 7.56 37.76 -9.76
C SER A 307 7.57 39.01 -10.64
N TYR A 308 6.81 39.02 -11.74
CA TYR A 308 6.91 40.10 -12.73
C TYR A 308 5.57 40.63 -13.20
N LYS A 309 4.45 40.25 -12.59
CA LYS A 309 3.16 40.83 -12.89
C LYS A 309 2.45 41.18 -11.57
N ASN A 310 1.39 41.97 -11.66
CA ASN A 310 0.67 42.47 -10.51
C ASN A 310 -0.81 42.14 -10.59
N LEU A 311 -1.42 41.99 -9.41
CA LEU A 311 -2.85 41.74 -9.32
C LEU A 311 -3.64 43.03 -9.56
N SER A 312 -4.80 42.90 -10.19
CA SER A 312 -5.73 44.01 -10.17
C SER A 312 -6.37 44.11 -8.78
N GLU A 313 -6.87 45.29 -8.44
CA GLU A 313 -7.34 45.53 -7.07
C GLU A 313 -8.58 44.70 -6.74
N GLU A 314 -9.47 44.50 -7.72
CA GLU A 314 -10.56 43.55 -7.51
C GLU A 314 -10.03 42.12 -7.40
N GLU A 315 -8.99 41.79 -8.16
CA GLU A 315 -8.35 40.47 -7.99
C GLU A 315 -7.73 40.33 -6.61
N HIS A 316 -7.00 41.36 -6.16
CA HIS A 316 -6.40 41.32 -4.82
C HIS A 316 -7.47 41.18 -3.74
N ASN A 317 -8.58 41.91 -3.87
CA ASN A 317 -9.59 41.87 -2.83
C ASN A 317 -10.29 40.52 -2.78
N SER A 318 -10.51 39.89 -3.94
CA SER A 318 -11.12 38.57 -3.93
C SER A 318 -10.30 37.58 -3.12
N ILE A 319 -8.97 37.59 -3.30
CA ILE A 319 -8.12 36.66 -2.55
C ILE A 319 -8.28 36.88 -1.06
N ILE A 320 -8.09 38.11 -0.59
CA ILE A 320 -8.18 38.31 0.86
C ILE A 320 -9.58 37.97 1.36
N GLN A 321 -10.60 38.12 0.53
CA GLN A 321 -11.95 37.71 0.93
C GLN A 321 -12.05 36.19 1.01
N ARG A 322 -11.58 35.48 -0.02
CA ARG A 322 -11.63 34.02 0.03
C ARG A 322 -10.75 33.47 1.15
N MET A 323 -9.67 34.19 1.51
CA MET A 323 -8.80 33.70 2.57
C MET A 323 -9.47 33.76 3.92
N VAL A 324 -10.24 34.82 4.20
CA VAL A 324 -10.90 34.92 5.49
C VAL A 324 -12.06 33.95 5.58
N LEU A 325 -12.85 33.86 4.52
CA LEU A 325 -13.95 32.91 4.51
C LEU A 325 -13.47 31.47 4.72
N GLY A 326 -12.25 31.15 4.28
CA GLY A 326 -11.64 29.85 4.49
C GLY A 326 -10.99 29.63 5.84
N ASP A 327 -11.21 30.54 6.79
CA ASP A 327 -10.64 30.44 8.14
C ASP A 327 -9.11 30.28 8.07
N ILE A 328 -8.48 30.99 7.13
CA ILE A 328 -7.03 30.95 7.08
C ILE A 328 -6.43 31.80 8.19
N ALA A 329 -7.03 32.96 8.49
CA ALA A 329 -6.58 33.86 9.55
C ALA A 329 -7.56 35.01 9.67
N ASP A 330 -7.41 35.81 10.74
CA ASP A 330 -8.15 37.06 10.88
C ASP A 330 -7.62 38.11 9.92
N ARG A 331 -8.52 38.75 9.16
CA ARG A 331 -8.13 39.68 8.11
C ARG A 331 -7.06 40.68 8.55
N ASP A 332 -7.09 41.11 9.81
CA ASP A 332 -6.06 42.04 10.27
C ASP A 332 -4.68 41.38 10.22
N ALA A 333 -4.57 40.17 10.78
CA ALA A 333 -3.33 39.40 10.71
C ALA A 333 -2.84 39.26 9.25
N ILE A 334 -3.77 39.03 8.31
CA ILE A 334 -3.42 38.81 6.91
C ILE A 334 -2.72 40.04 6.34
N VAL A 335 -3.13 41.23 6.79
CA VAL A 335 -2.55 42.41 6.18
C VAL A 335 -1.24 42.79 6.88
N GLU A 336 -1.15 42.57 8.21
CA GLU A 336 0.14 42.65 8.89
C GLU A 336 1.14 41.73 8.21
N ALA A 337 0.75 40.46 8.02
CA ALA A 337 1.63 39.50 7.36
C ALA A 337 2.09 39.99 6.00
N LEU A 338 1.13 40.26 5.10
CA LEU A 338 1.49 40.67 3.75
C LEU A 338 2.34 41.93 3.71
N GLU A 339 2.11 42.86 4.66
CA GLU A 339 2.84 44.12 4.69
C GLU A 339 4.20 43.96 5.36
N THR A 340 4.24 43.32 6.55
CA THR A 340 5.50 42.86 7.13
C THR A 340 6.30 42.02 6.13
N ASN A 341 5.62 41.43 5.15
CA ASN A 341 6.25 40.57 4.13
C ASN A 341 6.90 39.35 4.78
N ARG A 342 6.21 38.79 5.77
CA ARG A 342 6.67 37.60 6.47
C ARG A 342 6.75 36.40 5.52
N TYR A 343 7.38 35.32 5.98
CA TYR A 343 7.46 34.06 5.23
C TYR A 343 6.76 33.01 6.08
N ASN A 344 5.47 32.83 5.81
CA ASN A 344 4.61 31.95 6.60
C ASN A 344 3.44 31.51 5.74
N HIS A 345 2.55 30.71 6.34
CA HIS A 345 1.49 30.09 5.56
C HIS A 345 0.47 31.09 5.03
N ILE A 346 0.40 32.29 5.61
CA ILE A 346 -0.54 33.29 5.13
C ILE A 346 -0.04 33.90 3.83
N THR A 347 1.15 34.49 3.89
CA THR A 347 1.76 35.05 2.68
C THR A 347 1.80 34.02 1.58
N ALA A 348 2.24 32.80 1.94
CA ALA A 348 2.28 31.68 1.00
C ALA A 348 0.90 31.41 0.42
N THR A 349 -0.12 31.27 1.27
CA THR A 349 -1.49 31.11 0.80
C THR A 349 -1.88 32.24 -0.13
N TYR A 350 -1.61 33.48 0.30
CA TYR A 350 -1.94 34.62 -0.53
C TYR A 350 -1.29 34.50 -1.89
N PHE A 351 0.01 34.21 -1.90
CA PHE A 351 0.78 34.28 -3.14
C PHE A 351 0.54 33.08 -4.05
N LEU A 352 0.29 31.90 -3.48
CA LEU A 352 -0.09 30.77 -4.32
C LEU A 352 -1.44 31.04 -5.00
N LEU A 353 -2.41 31.53 -4.22
CA LEU A 353 -3.71 31.84 -4.79
C LEU A 353 -3.60 32.96 -5.80
N ALA A 354 -2.76 33.96 -5.52
CA ALA A 354 -2.54 35.01 -6.52
C ALA A 354 -2.04 34.40 -7.82
N GLU A 355 -1.12 33.42 -7.74
CA GLU A 355 -0.55 32.83 -8.94
C GLU A 355 -1.59 32.05 -9.74
N ARG A 356 -2.56 31.41 -9.09
CA ARG A 356 -3.58 30.66 -9.83
C ARG A 356 -4.51 31.56 -10.65
N ILE A 357 -4.67 32.83 -10.25
CA ILE A 357 -5.52 33.73 -11.03
C ILE A 357 -4.75 34.29 -12.23
N LEU A 358 -3.48 34.65 -12.03
CA LEU A 358 -2.68 35.12 -13.16
C LEU A 358 -2.48 34.01 -14.19
N ARG A 359 -2.24 32.78 -13.72
CA ARG A 359 -2.12 31.65 -14.63
C ARG A 359 -3.39 31.47 -15.46
N GLU A 360 -4.56 31.66 -14.83
CA GLU A 360 -5.80 31.60 -15.59
C GLU A 360 -5.94 32.80 -16.52
N LYS A 361 -5.49 33.97 -16.09
CA LYS A 361 -5.61 35.16 -16.93
C LYS A 361 -4.72 35.07 -18.17
N GLN A 362 -3.52 34.48 -18.03
CA GLN A 362 -2.63 34.30 -19.16
C GLN A 362 -3.15 33.22 -20.12
N GLU A 363 -3.81 32.19 -19.58
CA GLU A 363 -4.35 31.13 -20.44
C GLU A 363 -5.37 31.68 -21.42
N LYS A 364 -6.36 32.44 -20.91
CA LYS A 364 -7.37 33.07 -21.76
C LYS A 364 -6.74 33.81 -22.93
N GLU A 365 -5.69 34.59 -22.65
CA GLU A 365 -4.95 35.31 -23.68
C GLU A 365 -4.32 34.33 -24.69
N SER B 10 -16.16 8.74 7.67
CA SER B 10 -17.19 8.19 6.79
C SER B 10 -16.60 7.84 5.42
N GLN B 11 -15.76 8.74 4.90
CA GLN B 11 -15.20 8.61 3.56
C GLN B 11 -13.68 8.70 3.55
N ASP B 12 -13.02 8.57 4.71
CA ASP B 12 -11.57 8.73 4.76
C ASP B 12 -10.87 7.67 3.91
N LEU B 13 -11.28 6.40 4.04
CA LEU B 13 -10.76 5.34 3.18
C LEU B 13 -11.14 5.59 1.72
N GLU B 14 -12.35 6.07 1.47
CA GLU B 14 -12.75 6.34 0.11
C GLU B 14 -11.77 7.28 -0.57
N VAL B 15 -11.31 8.29 0.16
CA VAL B 15 -10.42 9.27 -0.47
C VAL B 15 -9.03 8.67 -0.68
N LEU B 16 -8.56 7.85 0.26
CA LEU B 16 -7.26 7.22 0.12
C LEU B 16 -7.19 6.36 -1.13
N PHE B 17 -8.14 5.44 -1.28
CA PHE B 17 -8.07 4.44 -2.33
C PHE B 17 -8.74 4.86 -3.62
N GLN B 18 -9.83 5.64 -3.57
CA GLN B 18 -10.54 6.05 -4.78
C GLN B 18 -10.30 7.51 -5.14
N GLY B 19 -9.40 8.21 -4.45
CA GLY B 19 -9.10 9.59 -4.76
C GLY B 19 -8.51 9.81 -6.14
N PRO B 20 -8.46 11.08 -6.57
CA PRO B 20 -8.00 11.38 -7.93
C PRO B 20 -6.58 10.93 -8.20
N HIS B 21 -5.74 10.91 -7.17
CA HIS B 21 -4.36 10.48 -7.32
C HIS B 21 -4.22 9.06 -7.85
N MET B 22 -5.26 8.22 -7.72
CA MET B 22 -5.20 6.83 -8.22
C MET B 22 -5.74 6.71 -9.65
N GLY B 46 -10.64 -3.96 -6.66
CA GLY B 46 -9.87 -2.99 -5.90
C GLY B 46 -8.99 -3.72 -4.88
N HIS B 47 -7.71 -3.87 -5.21
CA HIS B 47 -6.76 -4.64 -4.40
C HIS B 47 -5.51 -3.80 -4.34
N PHE B 48 -5.11 -3.37 -3.14
CA PHE B 48 -3.96 -2.51 -2.95
C PHE B 48 -3.00 -3.12 -1.95
N ALA B 49 -1.77 -2.70 -2.06
CA ALA B 49 -0.76 -3.00 -1.05
C ALA B 49 -0.56 -1.74 -0.20
N VAL B 50 -0.44 -1.95 1.09
CA VAL B 50 -0.07 -0.92 2.05
C VAL B 50 1.27 -1.37 2.64
N VAL B 51 2.34 -0.65 2.33
CA VAL B 51 3.71 -1.09 2.56
C VAL B 51 4.47 -0.06 3.37
N LYS B 52 5.15 -0.50 4.43
CA LYS B 52 5.99 0.41 5.21
C LYS B 52 7.21 0.84 4.39
N LEU B 53 7.46 2.14 4.33
CA LEU B 53 8.66 2.66 3.69
C LEU B 53 9.73 2.97 4.74
N ALA B 54 10.99 2.87 4.33
CA ALA B 54 12.13 3.22 5.18
C ALA B 54 13.15 3.94 4.31
N ARG B 55 13.51 5.16 4.70
CA ARG B 55 14.14 6.15 3.83
C ARG B 55 13.60 6.01 2.39
N HIS B 56 12.29 6.15 2.26
CA HIS B 56 11.60 6.23 0.96
C HIS B 56 11.69 4.97 0.10
N VAL B 57 12.08 3.82 0.67
CA VAL B 57 12.08 2.57 -0.08
C VAL B 57 11.25 1.51 0.66
N PHE B 58 10.73 0.58 -0.14
CA PHE B 58 9.87 -0.48 0.37
C PHE B 58 10.58 -1.34 1.40
N THR B 59 9.81 -1.90 2.33
CA THR B 59 10.29 -2.93 3.24
C THR B 59 9.44 -4.19 3.02
N GLY B 60 9.58 -5.15 3.93
CA GLY B 60 8.80 -6.35 3.83
C GLY B 60 7.58 -6.31 4.73
N GLU B 61 7.53 -5.33 5.62
CA GLU B 61 6.33 -5.12 6.42
C GLU B 61 5.24 -4.57 5.50
N LYS B 62 4.29 -5.43 5.14
CA LYS B 62 3.23 -5.02 4.22
C LYS B 62 1.97 -5.84 4.48
N VAL B 63 0.83 -5.20 4.20
CA VAL B 63 -0.46 -5.86 4.18
C VAL B 63 -1.18 -5.46 2.90
N ALA B 64 -2.35 -6.05 2.68
CA ALA B 64 -3.14 -5.79 1.50
C ALA B 64 -4.53 -5.37 1.92
N VAL B 65 -5.20 -4.66 1.03
CA VAL B 65 -6.56 -4.21 1.22
C VAL B 65 -7.33 -4.58 -0.05
N LYS B 66 -8.37 -5.38 0.10
CA LYS B 66 -9.30 -5.65 -0.99
C LYS B 66 -10.56 -4.84 -0.72
N VAL B 67 -10.94 -4.00 -1.66
CA VAL B 67 -12.10 -3.12 -1.53
C VAL B 67 -13.28 -3.78 -2.22
N ILE B 68 -14.41 -3.90 -1.52
CA ILE B 68 -15.59 -4.59 -2.06
C ILE B 68 -16.75 -3.62 -2.13
N ASP B 69 -17.37 -3.53 -3.30
CA ASP B 69 -18.45 -2.59 -3.53
C ASP B 69 -19.77 -3.20 -3.04
N LYS B 70 -20.37 -2.58 -2.02
CA LYS B 70 -21.66 -3.02 -1.50
C LYS B 70 -22.84 -2.47 -2.29
N THR B 71 -22.63 -1.50 -3.19
CA THR B 71 -23.71 -1.06 -4.06
C THR B 71 -23.98 -2.12 -5.12
N LYS B 72 -25.19 -2.06 -5.70
CA LYS B 72 -25.72 -3.12 -6.55
C LYS B 72 -25.87 -4.43 -5.76
N LEU B 73 -26.22 -4.29 -4.48
CA LEU B 73 -26.43 -5.41 -3.58
C LEU B 73 -27.65 -5.14 -2.73
N ASP B 74 -28.56 -6.12 -2.66
CA ASP B 74 -29.74 -6.00 -1.82
C ASP B 74 -29.33 -6.03 -0.34
N THR B 75 -30.31 -6.11 0.54
CA THR B 75 -30.03 -5.99 1.97
C THR B 75 -29.65 -7.33 2.58
N LEU B 76 -30.16 -8.45 2.04
CA LEU B 76 -29.83 -9.76 2.57
C LEU B 76 -28.45 -10.25 2.09
N ALA B 77 -28.07 -9.95 0.83
CA ALA B 77 -26.70 -10.17 0.42
C ALA B 77 -25.74 -9.38 1.29
N THR B 78 -25.97 -8.08 1.41
CA THR B 78 -25.16 -7.21 2.26
C THR B 78 -25.10 -7.71 3.69
N GLY B 79 -26.17 -8.34 4.17
CA GLY B 79 -26.16 -8.87 5.53
C GLY B 79 -25.27 -10.09 5.68
N HIS B 80 -25.37 -11.04 4.74
CA HIS B 80 -24.63 -12.30 4.84
C HIS B 80 -23.13 -12.08 4.63
N LEU B 81 -22.78 -11.52 3.47
CA LEU B 81 -21.41 -11.13 3.18
C LEU B 81 -20.77 -10.52 4.41
N PHE B 82 -21.51 -9.70 5.14
CA PHE B 82 -20.92 -9.11 6.32
C PHE B 82 -20.59 -10.15 7.39
N GLN B 83 -21.35 -11.25 7.42
CA GLN B 83 -21.04 -12.31 8.37
C GLN B 83 -20.07 -13.32 7.79
N GLU B 84 -20.12 -13.54 6.48
CA GLU B 84 -19.15 -14.41 5.82
C GLU B 84 -17.75 -13.84 5.93
N VAL B 85 -17.57 -12.65 5.39
CA VAL B 85 -16.37 -11.88 5.65
C VAL B 85 -16.05 -11.83 7.14
N ARG B 86 -17.08 -11.78 7.99
CA ARG B 86 -16.83 -11.75 9.44
C ARG B 86 -16.31 -13.09 9.92
N CYS B 87 -16.78 -14.18 9.34
CA CYS B 87 -16.37 -15.47 9.89
C CYS B 87 -15.05 -15.92 9.26
N MET B 88 -14.74 -15.48 8.04
CA MET B 88 -13.41 -15.72 7.50
C MET B 88 -12.31 -15.14 8.40
N LYS B 89 -12.65 -14.15 9.24
CA LYS B 89 -11.64 -13.58 10.16
C LYS B 89 -11.15 -14.60 11.18
N LEU B 90 -11.87 -15.70 11.36
CA LEU B 90 -11.51 -16.69 12.37
C LEU B 90 -10.62 -17.79 11.82
N VAL B 91 -10.69 -18.03 10.51
CA VAL B 91 -9.85 -19.02 9.85
C VAL B 91 -8.39 -18.69 10.12
N GLN B 92 -7.63 -19.71 10.52
CA GLN B 92 -6.19 -19.55 10.65
C GLN B 92 -5.54 -20.80 10.10
N HIS B 93 -4.70 -20.61 9.08
CA HIS B 93 -4.06 -21.77 8.53
C HIS B 93 -2.85 -21.27 7.77
N PRO B 94 -1.73 -21.99 7.75
CA PRO B 94 -0.58 -21.51 7.00
C PRO B 94 -0.83 -21.43 5.48
N ASN B 95 -1.78 -22.19 4.95
CA ASN B 95 -2.08 -22.23 3.52
C ASN B 95 -3.33 -21.44 3.13
N ILE B 96 -3.75 -20.48 3.95
CA ILE B 96 -4.90 -19.61 3.67
C ILE B 96 -4.47 -18.18 3.99
N VAL B 97 -4.87 -17.24 3.15
CA VAL B 97 -4.50 -15.84 3.39
C VAL B 97 -5.24 -15.37 4.62
N ARG B 98 -4.51 -14.78 5.54
CA ARG B 98 -5.11 -14.32 6.78
C ARG B 98 -5.99 -13.08 6.52
N LEU B 99 -7.23 -13.08 7.03
CA LEU B 99 -8.09 -11.89 6.97
C LEU B 99 -8.02 -11.18 8.33
N TYR B 100 -7.12 -10.21 8.43
CA TYR B 100 -6.86 -9.51 9.70
C TYR B 100 -8.06 -8.68 10.16
N GLU B 101 -8.61 -7.83 9.28
CA GLU B 101 -9.68 -6.94 9.68
C GLU B 101 -10.72 -6.83 8.58
N VAL B 102 -11.91 -6.43 8.99
CA VAL B 102 -12.97 -5.99 8.10
C VAL B 102 -13.30 -4.57 8.52
N ILE B 103 -13.67 -3.73 7.56
CA ILE B 103 -14.06 -2.37 7.86
C ILE B 103 -15.25 -2.06 6.97
N ASP B 104 -16.44 -1.91 7.58
CA ASP B 104 -17.67 -1.69 6.82
C ASP B 104 -17.91 -0.19 6.67
N THR B 105 -18.40 0.20 5.50
CA THR B 105 -18.84 1.56 5.26
C THR B 105 -20.13 1.49 4.46
N GLN B 106 -20.64 2.65 4.05
CA GLN B 106 -21.92 2.70 3.35
C GLN B 106 -21.82 2.02 2.00
N THR B 107 -20.82 2.38 1.20
CA THR B 107 -20.69 1.95 -0.18
C THR B 107 -19.78 0.74 -0.32
N LYS B 108 -18.65 0.79 0.34
CA LYS B 108 -17.55 -0.11 0.07
C LYS B 108 -17.24 -0.92 1.33
N LEU B 109 -16.73 -2.13 1.12
CA LEU B 109 -16.26 -2.98 2.22
C LEU B 109 -14.77 -3.22 2.04
N TYR B 110 -14.01 -3.04 3.12
CA TYR B 110 -12.55 -3.06 3.09
C TYR B 110 -12.02 -4.26 3.88
N LEU B 111 -11.34 -5.18 3.19
CA LEU B 111 -10.77 -6.37 3.83
C LEU B 111 -9.27 -6.19 3.95
N ILE B 112 -8.76 -6.10 5.17
CA ILE B 112 -7.32 -6.00 5.39
C ILE B 112 -6.77 -7.42 5.41
N LEU B 113 -5.96 -7.75 4.41
CA LEU B 113 -5.55 -9.11 4.12
C LEU B 113 -4.04 -9.22 4.15
N GLU B 114 -3.59 -10.47 4.14
CA GLU B 114 -2.20 -10.85 4.18
C GLU B 114 -1.62 -10.78 2.78
N LEU B 115 -0.52 -10.06 2.62
CA LEU B 115 0.03 -9.75 1.30
C LEU B 115 1.20 -10.67 0.97
N GLY B 116 1.15 -11.26 -0.23
CA GLY B 116 2.23 -12.09 -0.71
C GLY B 116 3.26 -11.30 -1.51
N ASP B 117 4.47 -11.84 -1.55
CA ASP B 117 5.43 -11.52 -2.60
C ASP B 117 5.52 -12.75 -3.48
N GLY B 118 5.14 -12.62 -4.74
CA GLY B 118 5.32 -13.75 -5.64
C GLY B 118 4.38 -13.84 -6.83
N GLY B 119 3.25 -13.12 -6.82
CA GLY B 119 2.21 -13.33 -7.80
C GLY B 119 1.33 -14.53 -7.47
N ASP B 120 0.46 -14.88 -8.42
CA ASP B 120 -0.43 -16.03 -8.30
C ASP B 120 0.11 -17.27 -9.06
N MET B 121 -0.69 -18.34 -8.97
CA MET B 121 -0.36 -19.65 -9.53
C MET B 121 -0.64 -19.74 -11.02
N PHE B 122 -1.68 -19.05 -11.50
CA PHE B 122 -2.01 -19.12 -12.91
C PHE B 122 -0.87 -18.55 -13.72
N ASP B 123 -0.30 -17.45 -13.27
CA ASP B 123 0.85 -16.94 -13.98
C ASP B 123 2.05 -17.85 -13.85
N TYR B 124 2.15 -18.61 -12.76
CA TYR B 124 3.25 -19.57 -12.68
C TYR B 124 3.03 -20.67 -13.71
N ILE B 125 1.86 -21.29 -13.68
CA ILE B 125 1.58 -22.37 -14.62
C ILE B 125 1.74 -21.90 -16.05
N MET B 126 1.28 -20.69 -16.37
CA MET B 126 1.37 -20.20 -17.75
C MET B 126 2.82 -20.09 -18.22
N LYS B 127 3.73 -19.72 -17.33
CA LYS B 127 5.15 -19.74 -17.67
C LYS B 127 5.64 -21.13 -18.05
N HIS B 128 4.95 -22.18 -17.62
CA HIS B 128 5.33 -23.56 -17.90
C HIS B 128 4.41 -24.08 -19.00
N GLU B 129 4.83 -23.90 -20.26
CA GLU B 129 3.96 -24.24 -21.38
C GLU B 129 3.63 -25.72 -21.46
N GLU B 130 4.41 -26.59 -20.83
CA GLU B 130 4.14 -28.02 -20.84
C GLU B 130 4.01 -28.58 -19.42
N GLY B 131 3.56 -27.74 -18.48
CA GLY B 131 3.28 -28.20 -17.15
C GLY B 131 4.49 -28.12 -16.24
N LEU B 132 4.23 -28.17 -14.95
CA LEU B 132 5.31 -28.24 -13.99
C LEU B 132 5.85 -29.66 -13.94
N ASN B 133 7.12 -29.79 -13.54
CA ASN B 133 7.63 -31.10 -13.21
C ASN B 133 6.78 -31.74 -12.12
N GLU B 134 6.56 -33.05 -12.22
CA GLU B 134 5.52 -33.69 -11.43
C GLU B 134 5.80 -33.63 -9.94
N ASP B 135 7.07 -33.55 -9.53
CA ASP B 135 7.33 -33.48 -8.11
C ASP B 135 7.17 -32.08 -7.55
N LEU B 136 7.16 -31.06 -8.41
CA LEU B 136 6.83 -29.69 -8.01
C LEU B 136 5.32 -29.49 -7.97
N ALA B 137 4.59 -30.03 -8.95
CA ALA B 137 3.14 -30.09 -8.85
C ALA B 137 2.72 -30.68 -7.52
N LYS B 138 3.27 -31.84 -7.18
CA LYS B 138 3.00 -32.48 -5.90
C LYS B 138 3.17 -31.53 -4.74
N LYS B 139 4.25 -30.74 -4.74
CA LYS B 139 4.47 -29.87 -3.59
C LYS B 139 3.40 -28.80 -3.50
N TYR B 140 3.03 -28.20 -4.63
CA TYR B 140 1.98 -27.21 -4.60
C TYR B 140 0.62 -27.83 -4.32
N PHE B 141 0.34 -28.99 -4.91
CA PHE B 141 -0.98 -29.55 -4.79
C PHE B 141 -1.24 -29.99 -3.37
N ALA B 142 -0.26 -30.65 -2.76
CA ALA B 142 -0.40 -31.06 -1.36
C ALA B 142 -0.74 -29.86 -0.48
N GLN B 143 -0.13 -28.71 -0.74
CA GLN B 143 -0.43 -27.53 0.06
C GLN B 143 -1.87 -27.07 -0.15
N ILE B 144 -2.33 -27.05 -1.40
CA ILE B 144 -3.69 -26.64 -1.68
C ILE B 144 -4.68 -27.55 -0.97
N VAL B 145 -4.44 -28.85 -0.98
CA VAL B 145 -5.44 -29.72 -0.37
C VAL B 145 -5.40 -29.65 1.16
N HIS B 146 -4.25 -29.39 1.79
CA HIS B 146 -4.31 -29.16 3.24
C HIS B 146 -5.14 -27.92 3.54
N ALA B 147 -5.09 -26.92 2.66
CA ALA B 147 -5.96 -25.76 2.82
C ALA B 147 -7.42 -26.16 2.70
N ILE B 148 -7.80 -26.90 1.65
CA ILE B 148 -9.19 -27.28 1.49
C ILE B 148 -9.60 -28.32 2.53
N SER B 149 -8.66 -29.13 3.01
CA SER B 149 -8.99 -30.09 4.06
C SER B 149 -9.42 -29.37 5.32
N TYR B 150 -8.61 -28.42 5.79
CA TYR B 150 -8.95 -27.60 6.96
C TYR B 150 -10.28 -26.92 6.76
N CYS B 151 -10.56 -26.42 5.56
CA CYS B 151 -11.80 -25.70 5.30
C CYS B 151 -13.00 -26.63 5.42
N HIS B 152 -13.01 -27.72 4.66
CA HIS B 152 -14.20 -28.56 4.66
C HIS B 152 -14.52 -29.15 6.04
N LYS B 153 -13.50 -29.45 6.87
CA LYS B 153 -13.80 -29.94 8.22
C LYS B 153 -14.53 -28.88 9.04
N LEU B 154 -14.10 -27.62 8.92
CA LEU B 154 -14.76 -26.51 9.59
C LEU B 154 -15.97 -26.01 8.82
N HIS B 155 -16.40 -26.74 7.80
CA HIS B 155 -17.62 -26.42 7.06
C HIS B 155 -17.48 -25.08 6.33
N VAL B 156 -16.29 -24.84 5.79
CA VAL B 156 -16.00 -23.73 4.90
C VAL B 156 -15.66 -24.29 3.53
N VAL B 157 -16.39 -23.84 2.51
CA VAL B 157 -16.13 -24.18 1.12
C VAL B 157 -15.63 -22.93 0.40
N HIS B 158 -14.84 -23.13 -0.63
CA HIS B 158 -14.30 -21.97 -1.35
C HIS B 158 -15.32 -21.38 -2.34
N ARG B 159 -15.91 -22.23 -3.18
CA ARG B 159 -16.87 -21.93 -4.22
C ARG B 159 -16.25 -21.24 -5.43
N ASP B 160 -14.99 -20.76 -5.35
CA ASP B 160 -14.36 -20.07 -6.46
C ASP B 160 -12.91 -20.53 -6.56
N LEU B 161 -12.67 -21.84 -6.49
CA LEU B 161 -11.31 -22.35 -6.48
C LEU B 161 -10.71 -22.36 -7.88
N LYS B 162 -9.65 -21.58 -8.10
CA LYS B 162 -8.97 -21.51 -9.39
C LYS B 162 -7.57 -20.96 -9.15
N PRO B 163 -6.61 -21.24 -10.05
CA PRO B 163 -5.19 -20.92 -9.74
C PRO B 163 -4.93 -19.44 -9.55
N GLU B 164 -5.78 -18.56 -10.10
CA GLU B 164 -5.71 -17.14 -9.74
C GLU B 164 -5.92 -16.90 -8.25
N ASN B 165 -6.57 -17.83 -7.55
CA ASN B 165 -6.85 -17.67 -6.15
C ASN B 165 -5.86 -18.45 -5.27
N VAL B 166 -4.74 -18.89 -5.86
CA VAL B 166 -3.62 -19.44 -5.13
C VAL B 166 -2.46 -18.47 -5.29
N VAL B 167 -1.96 -17.95 -4.18
CA VAL B 167 -1.01 -16.86 -4.16
C VAL B 167 0.30 -17.37 -3.62
N PHE B 168 1.42 -16.79 -4.08
CA PHE B 168 2.75 -17.19 -3.66
C PHE B 168 3.23 -16.33 -2.50
N PHE B 169 3.63 -17.00 -1.41
CA PHE B 169 4.44 -16.40 -0.36
C PHE B 169 5.82 -17.02 -0.45
N GLU B 170 6.57 -16.66 -1.49
CA GLU B 170 7.78 -17.44 -1.79
C GLU B 170 8.92 -17.14 -0.83
N LYS B 171 8.88 -15.99 -0.15
CA LYS B 171 9.77 -15.74 0.98
C LYS B 171 9.53 -16.73 2.12
N GLN B 172 8.37 -17.40 2.14
CA GLN B 172 8.02 -18.37 3.18
C GLN B 172 7.80 -19.78 2.63
N GLY B 173 8.04 -20.00 1.33
CA GLY B 173 8.03 -21.31 0.70
C GLY B 173 6.70 -21.81 0.18
N LEU B 174 5.59 -21.15 0.51
CA LEU B 174 4.27 -21.74 0.33
C LEU B 174 3.36 -20.92 -0.59
N VAL B 175 2.22 -21.53 -0.88
CA VAL B 175 1.09 -20.94 -1.56
C VAL B 175 -0.10 -20.92 -0.60
N LYS B 176 -0.91 -19.86 -0.66
CA LYS B 176 -2.09 -19.73 0.20
C LYS B 176 -3.33 -19.47 -0.63
N LEU B 177 -4.47 -19.95 -0.16
CA LEU B 177 -5.75 -19.69 -0.83
C LEU B 177 -6.27 -18.30 -0.48
N THR B 178 -7.01 -17.70 -1.38
CA THR B 178 -7.51 -16.35 -1.13
C THR B 178 -8.82 -16.17 -1.90
N ASP B 179 -9.33 -14.94 -1.90
CA ASP B 179 -10.61 -14.56 -2.51
C ASP B 179 -11.66 -15.64 -2.41
N PHE B 180 -12.01 -16.03 -1.19
CA PHE B 180 -13.11 -16.96 -1.00
C PHE B 180 -14.38 -16.35 -1.58
N GLY B 181 -15.16 -17.20 -2.24
CA GLY B 181 -16.39 -16.76 -2.87
C GLY B 181 -17.42 -16.35 -1.85
N PHE B 182 -17.47 -15.06 -1.52
CA PHE B 182 -18.41 -14.52 -0.55
C PHE B 182 -19.66 -13.98 -1.26
N SER B 183 -20.60 -13.45 -0.47
CA SER B 183 -21.96 -13.18 -0.95
C SER B 183 -22.04 -12.07 -1.98
N ASN B 184 -20.96 -11.31 -2.20
CA ASN B 184 -20.93 -10.33 -3.29
C ASN B 184 -21.12 -11.02 -4.63
N LYS B 185 -20.44 -12.16 -4.82
CA LYS B 185 -20.45 -12.86 -6.11
C LYS B 185 -21.66 -13.77 -6.28
N PHE B 186 -22.28 -14.20 -5.18
CA PHE B 186 -23.43 -15.10 -5.25
C PHE B 186 -24.67 -14.46 -4.63
N THR B 193 -13.54 -13.86 -13.27
CA THR B 193 -14.40 -14.59 -12.32
C THR B 193 -15.78 -14.71 -12.96
N THR B 194 -16.17 -13.67 -13.74
CA THR B 194 -17.43 -13.65 -14.48
C THR B 194 -17.53 -14.84 -15.44
N SER B 195 -18.69 -15.01 -16.09
CA SER B 195 -19.01 -16.31 -16.70
C SER B 195 -18.17 -16.62 -17.94
N CYS B 196 -17.82 -15.61 -18.76
CA CYS B 196 -16.96 -15.89 -19.90
C CYS B 196 -15.59 -16.41 -19.45
N GLY B 197 -15.02 -15.81 -18.40
CA GLY B 197 -13.72 -16.22 -17.91
C GLY B 197 -13.73 -17.50 -17.11
N SER B 198 -14.58 -17.57 -16.09
CA SER B 198 -14.60 -18.72 -15.20
C SER B 198 -15.19 -19.99 -15.83
N LEU B 199 -15.65 -19.94 -17.08
CA LEU B 199 -16.28 -21.13 -17.67
C LEU B 199 -15.34 -22.34 -17.60
N ALA B 200 -14.05 -22.13 -17.89
CA ALA B 200 -13.05 -23.21 -17.85
C ALA B 200 -13.05 -23.92 -16.51
N TYR B 201 -13.10 -23.17 -15.41
CA TYR B 201 -12.89 -23.72 -14.09
C TYR B 201 -14.16 -24.24 -13.43
N SER B 202 -15.30 -24.17 -14.10
CA SER B 202 -16.59 -24.40 -13.45
C SER B 202 -17.03 -25.85 -13.55
N ALA B 203 -17.65 -26.33 -12.48
CA ALA B 203 -18.09 -27.70 -12.42
C ALA B 203 -19.29 -27.88 -13.34
N PRO B 204 -19.49 -29.09 -13.87
CA PRO B 204 -20.68 -29.32 -14.70
C PRO B 204 -21.99 -28.99 -13.98
N GLU B 205 -22.09 -29.31 -12.69
CA GLU B 205 -23.36 -29.09 -12.00
C GLU B 205 -23.62 -27.61 -11.71
N ILE B 206 -22.60 -26.76 -11.66
CA ILE B 206 -22.86 -25.32 -11.54
C ILE B 206 -23.00 -24.65 -12.91
N LEU B 207 -22.73 -25.36 -14.00
CA LEU B 207 -23.12 -24.87 -15.32
C LEU B 207 -24.55 -25.27 -15.66
N LEU B 208 -24.99 -26.42 -15.16
CA LEU B 208 -26.36 -26.89 -15.34
C LEU B 208 -27.32 -26.15 -14.43
N GLY B 209 -26.83 -25.65 -13.29
CA GLY B 209 -27.56 -24.69 -12.49
C GLY B 209 -28.40 -25.23 -11.35
N ASP B 210 -28.37 -26.53 -11.08
CA ASP B 210 -29.21 -27.12 -10.04
C ASP B 210 -28.47 -27.23 -8.71
N GLU B 211 -29.25 -27.44 -7.65
CA GLU B 211 -28.70 -27.58 -6.30
C GLU B 211 -27.54 -28.59 -6.31
N TYR B 212 -26.61 -28.41 -5.39
CA TYR B 212 -25.40 -29.22 -5.38
C TYR B 212 -24.81 -29.26 -3.97
N ASP B 213 -23.94 -30.25 -3.75
CA ASP B 213 -23.08 -30.28 -2.57
C ASP B 213 -21.91 -29.34 -2.82
N ALA B 214 -21.85 -28.23 -2.09
CA ALA B 214 -20.77 -27.28 -2.27
C ALA B 214 -19.38 -27.90 -2.10
N PRO B 215 -19.12 -28.80 -1.15
CA PRO B 215 -17.78 -29.41 -1.10
C PRO B 215 -17.39 -30.08 -2.41
N ALA B 216 -18.29 -30.87 -3.00
CA ALA B 216 -17.94 -31.60 -4.22
C ALA B 216 -17.53 -30.65 -5.33
N VAL B 217 -18.01 -29.41 -5.28
CA VAL B 217 -17.63 -28.43 -6.29
C VAL B 217 -16.18 -28.03 -6.11
N ASP B 218 -15.75 -27.82 -4.87
CA ASP B 218 -14.34 -27.56 -4.63
C ASP B 218 -13.47 -28.72 -5.10
N ILE B 219 -13.97 -29.96 -4.97
CA ILE B 219 -13.23 -31.13 -5.41
C ILE B 219 -13.00 -31.07 -6.93
N TRP B 220 -14.07 -30.85 -7.68
CA TRP B 220 -13.93 -30.68 -9.12
C TRP B 220 -12.86 -29.65 -9.42
N SER B 221 -12.93 -28.51 -8.74
CA SER B 221 -11.93 -27.48 -8.90
C SER B 221 -10.54 -27.95 -8.52
N LEU B 222 -10.40 -28.87 -7.57
CA LEU B 222 -9.06 -29.38 -7.31
C LEU B 222 -8.54 -30.14 -8.54
N GLY B 223 -9.40 -30.91 -9.19
CA GLY B 223 -8.96 -31.71 -10.31
C GLY B 223 -8.52 -30.87 -11.49
N VAL B 224 -9.12 -29.72 -11.67
CA VAL B 224 -8.73 -28.85 -12.76
C VAL B 224 -7.37 -28.22 -12.47
N ILE B 225 -7.13 -27.87 -11.21
CA ILE B 225 -5.86 -27.27 -10.87
C ILE B 225 -4.73 -28.28 -11.08
N LEU B 226 -4.88 -29.48 -10.52
CA LEU B 226 -3.88 -30.52 -10.70
C LEU B 226 -3.56 -30.72 -12.18
N PHE B 227 -4.60 -30.75 -13.01
CA PHE B 227 -4.38 -30.89 -14.45
C PHE B 227 -3.54 -29.74 -15.00
N MET B 228 -3.84 -28.52 -14.58
CA MET B 228 -3.03 -27.40 -15.07
C MET B 228 -1.61 -27.47 -14.55
N LEU B 229 -1.43 -27.89 -13.30
CA LEU B 229 -0.10 -27.97 -12.73
C LEU B 229 0.82 -28.86 -13.55
N VAL B 230 0.27 -29.90 -14.18
CA VAL B 230 1.07 -30.92 -14.83
C VAL B 230 0.93 -30.89 -16.35
N CYS B 231 0.21 -29.93 -16.91
CA CYS B 231 0.13 -29.79 -18.35
C CYS B 231 0.20 -28.34 -18.82
N GLY B 232 0.20 -27.36 -17.91
CA GLY B 232 0.25 -25.96 -18.30
C GLY B 232 -0.86 -25.53 -19.23
N GLN B 233 -1.87 -26.36 -19.39
CA GLN B 233 -3.02 -26.08 -20.23
C GLN B 233 -4.28 -26.48 -19.44
N PRO B 234 -5.39 -25.81 -19.68
CA PRO B 234 -6.63 -26.21 -19.03
C PRO B 234 -7.22 -27.43 -19.73
N PRO B 235 -7.88 -28.32 -18.99
CA PRO B 235 -8.35 -29.57 -19.60
C PRO B 235 -9.53 -29.38 -20.55
N PHE B 236 -10.23 -28.24 -20.50
CA PHE B 236 -11.36 -27.96 -21.39
C PHE B 236 -11.18 -26.56 -21.96
N GLN B 237 -10.78 -26.47 -23.24
CA GLN B 237 -10.61 -25.16 -23.87
C GLN B 237 -10.76 -25.29 -25.39
N GLU B 238 -11.61 -24.43 -25.98
CA GLU B 238 -11.85 -24.40 -27.42
C GLU B 238 -11.95 -22.97 -27.93
N ALA B 239 -11.93 -22.83 -29.25
CA ALA B 239 -12.10 -21.51 -29.87
C ALA B 239 -13.41 -20.87 -29.43
N ASN B 240 -14.52 -21.56 -29.64
CA ASN B 240 -15.81 -21.12 -29.13
C ASN B 240 -15.94 -21.55 -27.68
N ASP B 241 -16.41 -20.62 -26.85
CA ASP B 241 -16.72 -20.93 -25.47
C ASP B 241 -18.03 -21.71 -25.31
N SER B 242 -18.66 -22.10 -26.42
CA SER B 242 -19.85 -22.95 -26.36
C SER B 242 -19.50 -24.42 -26.44
N GLU B 243 -18.43 -24.75 -27.16
CA GLU B 243 -17.96 -26.11 -27.23
C GLU B 243 -17.13 -26.51 -26.01
N THR B 244 -16.45 -25.54 -25.38
CA THR B 244 -15.83 -25.83 -24.08
C THR B 244 -16.89 -26.33 -23.12
N LEU B 245 -18.06 -25.68 -23.12
CA LEU B 245 -19.18 -26.10 -22.27
C LEU B 245 -19.56 -27.56 -22.50
N THR B 246 -19.56 -28.01 -23.74
CA THR B 246 -19.90 -29.39 -24.01
C THR B 246 -18.83 -30.34 -23.48
N MET B 247 -17.56 -29.99 -23.69
CA MET B 247 -16.48 -30.86 -23.23
C MET B 247 -16.54 -31.05 -21.72
N ILE B 248 -16.98 -30.02 -20.99
CA ILE B 248 -17.11 -30.12 -19.55
C ILE B 248 -18.24 -31.08 -19.17
N MET B 249 -19.42 -30.91 -19.81
CA MET B 249 -20.58 -31.77 -19.53
C MET B 249 -20.26 -33.24 -19.79
N ASP B 250 -19.69 -33.55 -20.96
CA ASP B 250 -19.31 -34.93 -21.25
C ASP B 250 -18.07 -35.34 -20.47
N CYS B 251 -17.27 -34.37 -20.03
CA CYS B 251 -16.10 -34.62 -19.19
C CYS B 251 -15.01 -35.39 -19.94
N LYS B 252 -14.76 -35.02 -21.19
CA LYS B 252 -13.76 -35.65 -22.04
C LYS B 252 -12.49 -34.80 -22.09
N TYR B 253 -11.36 -35.38 -21.70
CA TYR B 253 -10.07 -34.70 -21.75
C TYR B 253 -8.98 -35.76 -21.93
N THR B 254 -7.77 -35.31 -22.29
CA THR B 254 -6.66 -36.23 -22.53
C THR B 254 -5.39 -35.74 -21.84
N VAL B 255 -4.72 -36.64 -21.14
CA VAL B 255 -3.56 -36.32 -20.30
C VAL B 255 -2.29 -36.69 -21.08
N PRO B 256 -1.28 -35.81 -21.14
CA PRO B 256 -0.08 -36.15 -21.90
C PRO B 256 0.53 -37.46 -21.41
N SER B 257 1.25 -38.13 -22.33
CA SER B 257 1.78 -39.48 -22.06
C SER B 257 2.70 -39.51 -20.84
N HIS B 258 3.49 -38.46 -20.64
CA HIS B 258 4.52 -38.47 -19.61
C HIS B 258 3.97 -38.38 -18.20
N VAL B 259 2.70 -38.10 -18.03
CA VAL B 259 2.14 -38.05 -16.68
C VAL B 259 1.96 -39.48 -16.18
N SER B 260 2.40 -39.72 -14.94
CA SER B 260 2.37 -41.04 -14.31
C SER B 260 0.95 -41.62 -14.24
N LYS B 261 0.86 -42.92 -13.93
CA LYS B 261 -0.44 -43.58 -13.90
C LYS B 261 -1.21 -43.20 -12.63
N GLU B 262 -0.50 -42.92 -11.53
CA GLU B 262 -1.20 -42.54 -10.30
C GLU B 262 -1.76 -41.13 -10.40
N CYS B 263 -0.94 -40.15 -10.79
CA CYS B 263 -1.44 -38.80 -11.01
C CYS B 263 -2.64 -38.81 -11.95
N LYS B 264 -2.48 -39.43 -13.11
CA LYS B 264 -3.61 -39.66 -14.01
C LYS B 264 -4.83 -40.18 -13.25
N ASP B 265 -4.59 -41.06 -12.28
CA ASP B 265 -5.72 -41.64 -11.56
C ASP B 265 -6.33 -40.65 -10.58
N LEU B 266 -5.49 -39.92 -9.84
CA LEU B 266 -6.00 -38.84 -8.98
C LEU B 266 -6.88 -37.87 -9.76
N ILE B 267 -6.48 -37.51 -10.98
CA ILE B 267 -7.22 -36.53 -11.75
C ILE B 267 -8.61 -37.04 -12.10
N THR B 268 -8.72 -38.32 -12.44
CA THR B 268 -10.01 -38.84 -12.86
C THR B 268 -10.94 -39.09 -11.67
N ARG B 269 -10.40 -39.13 -10.45
CA ARG B 269 -11.23 -39.23 -9.25
C ARG B 269 -11.78 -37.88 -8.80
N MET B 270 -11.20 -36.77 -9.27
CA MET B 270 -11.74 -35.45 -9.00
C MET B 270 -12.55 -34.88 -10.17
N LEU B 271 -12.32 -35.39 -11.38
CA LEU B 271 -13.02 -34.91 -12.58
C LEU B 271 -13.98 -35.99 -13.08
N GLN B 272 -15.04 -36.20 -12.32
CA GLN B 272 -16.19 -36.98 -12.76
C GLN B 272 -17.33 -36.00 -13.01
N ARG B 273 -18.29 -36.41 -13.83
CA ARG B 273 -19.43 -35.51 -14.04
C ARG B 273 -20.40 -35.60 -12.86
N ASP B 274 -20.54 -36.78 -12.25
CA ASP B 274 -21.39 -36.95 -11.08
C ASP B 274 -20.64 -36.55 -9.81
N PRO B 275 -21.11 -35.54 -9.07
CA PRO B 275 -20.46 -35.20 -7.79
C PRO B 275 -20.49 -36.31 -6.77
N LYS B 276 -21.49 -37.20 -6.83
CA LYS B 276 -21.50 -38.35 -5.93
C LYS B 276 -20.36 -39.30 -6.27
N ARG B 277 -19.86 -39.25 -7.51
CA ARG B 277 -18.77 -40.11 -7.94
C ARG B 277 -17.40 -39.57 -7.54
N ARG B 278 -17.27 -38.27 -7.29
CA ARG B 278 -15.97 -37.70 -6.94
C ARG B 278 -15.53 -38.21 -5.57
N ALA B 279 -14.35 -37.80 -5.17
CA ALA B 279 -13.65 -38.40 -4.04
C ALA B 279 -13.58 -37.42 -2.90
N SER B 280 -13.92 -37.87 -1.70
CA SER B 280 -13.85 -36.94 -0.59
C SER B 280 -12.40 -36.78 -0.15
N LEU B 281 -12.14 -35.76 0.67
CA LEU B 281 -10.76 -35.34 0.91
C LEU B 281 -9.92 -36.40 1.60
N GLU B 282 -10.53 -37.31 2.37
CA GLU B 282 -9.74 -38.39 2.94
C GLU B 282 -9.03 -39.16 1.81
N GLU B 283 -9.78 -39.58 0.80
CA GLU B 283 -9.21 -40.30 -0.33
C GLU B 283 -8.13 -39.47 -1.03
N ILE B 284 -8.50 -38.27 -1.49
CA ILE B 284 -7.53 -37.39 -2.16
C ILE B 284 -6.30 -37.18 -1.28
N GLU B 285 -6.51 -36.71 -0.05
CA GLU B 285 -5.38 -36.40 0.82
C GLU B 285 -4.53 -37.63 1.10
N ASN B 286 -5.07 -38.83 0.90
CA ASN B 286 -4.34 -40.07 1.12
C ASN B 286 -4.13 -40.85 -0.17
N HIS B 287 -4.20 -40.19 -1.33
CA HIS B 287 -3.83 -40.87 -2.56
C HIS B 287 -2.33 -41.15 -2.54
N PRO B 288 -1.91 -42.27 -3.13
CA PRO B 288 -0.47 -42.58 -3.18
C PRO B 288 0.35 -41.49 -3.84
N TRP B 289 -0.24 -40.73 -4.79
CA TRP B 289 0.54 -39.70 -5.46
C TRP B 289 1.11 -38.68 -4.48
N LEU B 290 0.37 -38.38 -3.41
CA LEU B 290 0.84 -37.44 -2.41
C LEU B 290 1.48 -38.12 -1.21
N GLN B 291 0.98 -39.28 -0.82
CA GLN B 291 1.64 -40.06 0.23
C GLN B 291 3.06 -40.44 -0.22
N GLY B 292 3.15 -41.36 -1.18
CA GLY B 292 4.43 -41.83 -1.67
C GLY B 292 4.73 -43.27 -1.25
N PRO B 295 5.61 -43.49 3.58
CA PRO B 295 4.57 -43.76 4.58
C PRO B 295 4.76 -42.97 5.87
N SER B 296 5.38 -41.79 5.78
CA SER B 296 5.78 -41.06 6.98
C SER B 296 4.60 -40.74 7.88
N PRO B 297 4.83 -40.52 9.16
CA PRO B 297 3.71 -40.25 10.09
C PRO B 297 3.18 -38.83 9.96
N ALA B 298 1.89 -38.67 10.29
CA ALA B 298 1.14 -37.43 10.09
C ALA B 298 1.12 -36.56 11.34
N THR B 299 1.39 -35.26 11.15
CA THR B 299 1.41 -34.30 12.26
C THR B 299 0.01 -33.87 12.62
N LYS B 300 -0.32 -33.90 13.92
CA LYS B 300 -1.63 -33.41 14.36
C LYS B 300 -1.72 -31.89 14.22
N TYR B 301 -0.58 -31.22 14.03
CA TYR B 301 -0.56 -29.77 13.91
C TYR B 301 -1.32 -29.30 12.67
N ASN B 302 -2.01 -28.17 12.81
CA ASN B 302 -2.81 -27.53 11.76
C ASN B 302 -3.97 -28.40 11.27
N ILE B 303 -4.43 -29.34 12.09
CA ILE B 303 -5.64 -30.11 11.79
C ILE B 303 -6.70 -29.76 12.80
N PRO B 304 -7.95 -29.58 12.36
CA PRO B 304 -9.01 -29.13 13.28
C PRO B 304 -9.49 -30.25 14.21
N LEU B 305 -9.52 -29.93 15.50
CA LEU B 305 -9.91 -30.89 16.53
C LEU B 305 -11.36 -31.34 16.36
N VAL B 306 -12.20 -30.50 15.75
CA VAL B 306 -13.62 -30.75 15.55
C VAL B 306 -13.84 -32.05 14.78
N SER B 307 -12.81 -32.53 14.10
CA SER B 307 -12.93 -33.77 13.35
C SER B 307 -12.66 -35.01 14.19
N TYR B 308 -12.00 -34.88 15.35
CA TYR B 308 -11.85 -36.05 16.22
C TYR B 308 -12.28 -35.81 17.65
N LYS B 309 -12.17 -34.59 18.18
CA LYS B 309 -12.71 -34.30 19.50
C LYS B 309 -14.20 -34.00 19.41
N ASN B 310 -14.97 -34.54 20.36
CA ASN B 310 -16.41 -34.32 20.38
C ASN B 310 -16.78 -33.27 21.41
N LEU B 311 -17.98 -32.76 21.29
CA LEU B 311 -18.45 -31.63 22.06
C LEU B 311 -19.53 -32.07 23.04
N SER B 312 -19.64 -31.37 24.16
CA SER B 312 -20.66 -31.68 25.15
C SER B 312 -21.95 -30.88 24.88
N GLU B 313 -23.06 -31.38 25.44
CA GLU B 313 -24.34 -30.72 25.21
C GLU B 313 -24.32 -29.27 25.68
N GLU B 314 -23.70 -29.00 26.84
CA GLU B 314 -23.71 -27.63 27.34
C GLU B 314 -22.86 -26.72 26.45
N GLU B 315 -21.81 -27.27 25.83
CA GLU B 315 -20.96 -26.43 24.98
C GLU B 315 -21.66 -26.14 23.65
N HIS B 316 -22.13 -27.20 22.99
CA HIS B 316 -23.00 -27.07 21.83
C HIS B 316 -24.05 -25.98 22.04
N ASN B 317 -24.81 -26.06 23.13
CA ASN B 317 -25.81 -25.04 23.43
C ASN B 317 -25.17 -23.69 23.69
N SER B 318 -23.99 -23.67 24.33
CA SER B 318 -23.35 -22.40 24.60
C SER B 318 -22.98 -21.67 23.31
N ILE B 319 -22.48 -22.41 22.30
CA ILE B 319 -22.23 -21.80 20.98
C ILE B 319 -23.50 -21.19 20.42
N ILE B 320 -24.53 -22.01 20.21
CA ILE B 320 -25.76 -21.54 19.59
C ILE B 320 -26.33 -20.34 20.33
N GLN B 321 -26.15 -20.27 21.65
CA GLN B 321 -26.65 -19.12 22.38
C GLN B 321 -25.79 -17.89 22.10
N ARG B 322 -24.48 -18.07 22.01
CA ARG B 322 -23.63 -16.95 21.63
C ARG B 322 -23.94 -16.50 20.21
N MET B 323 -24.29 -17.46 19.34
CA MET B 323 -24.61 -17.14 17.95
C MET B 323 -25.95 -16.41 17.84
N VAL B 324 -26.94 -16.86 18.62
CA VAL B 324 -28.22 -16.16 18.64
C VAL B 324 -28.03 -14.74 19.19
N LEU B 325 -27.28 -14.62 20.28
CA LEU B 325 -27.01 -13.33 20.87
C LEU B 325 -26.24 -12.42 19.92
N GLY B 326 -25.18 -12.95 19.30
CA GLY B 326 -24.46 -12.24 18.27
C GLY B 326 -25.23 -11.97 17.01
N ASP B 327 -26.52 -12.30 17.01
CA ASP B 327 -27.42 -12.04 15.89
C ASP B 327 -26.86 -12.54 14.57
N ILE B 328 -26.27 -13.73 14.59
CA ILE B 328 -25.86 -14.33 13.34
C ILE B 328 -27.01 -15.07 12.64
N ALA B 329 -27.95 -15.63 13.40
CA ALA B 329 -29.12 -16.30 12.83
C ALA B 329 -30.11 -16.64 13.94
N ASP B 330 -31.35 -16.89 13.53
CA ASP B 330 -32.34 -17.51 14.42
C ASP B 330 -31.80 -18.79 15.04
N ARG B 331 -32.32 -19.11 16.21
CA ARG B 331 -31.99 -20.40 16.78
C ARG B 331 -32.54 -21.53 15.91
N ASP B 332 -33.70 -21.32 15.29
CA ASP B 332 -34.20 -22.31 14.33
C ASP B 332 -33.26 -22.44 13.15
N ALA B 333 -33.00 -21.32 12.47
CA ALA B 333 -31.95 -21.21 11.49
C ALA B 333 -30.74 -22.08 11.84
N ILE B 334 -30.15 -21.85 13.02
CA ILE B 334 -28.91 -22.52 13.33
C ILE B 334 -29.14 -24.02 13.47
N VAL B 335 -30.17 -24.41 14.22
CA VAL B 335 -30.43 -25.83 14.43
C VAL B 335 -30.81 -26.49 13.12
N GLU B 336 -31.51 -25.76 12.25
CA GLU B 336 -31.83 -26.30 10.93
C GLU B 336 -30.57 -26.48 10.09
N ALA B 337 -29.73 -25.44 10.00
CA ALA B 337 -28.51 -25.54 9.20
C ALA B 337 -27.64 -26.69 9.67
N LEU B 338 -27.47 -26.83 10.98
CA LEU B 338 -26.67 -27.95 11.48
C LEU B 338 -27.35 -29.27 11.20
N GLU B 339 -28.69 -29.30 11.25
CA GLU B 339 -29.37 -30.56 11.00
C GLU B 339 -29.25 -30.96 9.52
N THR B 340 -29.49 -30.01 8.61
CA THR B 340 -29.33 -30.21 7.17
C THR B 340 -27.86 -30.42 6.77
N ASN B 341 -26.90 -30.15 7.66
CA ASN B 341 -25.46 -30.21 7.36
C ASN B 341 -25.09 -29.34 6.16
N ARG B 342 -25.36 -28.04 6.30
CA ARG B 342 -25.06 -27.10 5.26
C ARG B 342 -23.64 -26.57 5.39
N TYR B 343 -23.16 -25.95 4.31
CA TYR B 343 -21.86 -25.28 4.27
C TYR B 343 -22.18 -23.83 3.97
N ASN B 344 -22.11 -22.98 4.99
CA ASN B 344 -22.36 -21.54 4.86
C ASN B 344 -21.88 -20.88 6.16
N HIS B 345 -22.18 -19.59 6.31
CA HIS B 345 -21.67 -18.84 7.45
C HIS B 345 -22.33 -19.24 8.77
N ILE B 346 -23.37 -20.05 8.74
CA ILE B 346 -23.99 -20.47 9.99
C ILE B 346 -23.22 -21.69 10.46
N THR B 347 -23.29 -22.79 9.72
CA THR B 347 -22.55 -23.98 10.14
C THR B 347 -21.08 -23.67 10.33
N ALA B 348 -20.50 -22.85 9.45
CA ALA B 348 -19.09 -22.54 9.60
C ALA B 348 -18.82 -21.77 10.89
N THR B 349 -19.58 -20.70 11.12
CA THR B 349 -19.43 -20.00 12.39
C THR B 349 -19.62 -20.95 13.56
N TYR B 350 -20.42 -22.02 13.38
CA TYR B 350 -20.62 -22.95 14.48
C TYR B 350 -19.37 -23.79 14.71
N PHE B 351 -18.80 -24.34 13.64
CA PHE B 351 -17.62 -25.17 13.84
C PHE B 351 -16.37 -24.37 14.13
N LEU B 352 -16.36 -23.06 13.87
CA LEU B 352 -15.21 -22.29 14.26
C LEU B 352 -15.26 -21.98 15.74
N LEU B 353 -16.40 -21.46 16.21
CA LEU B 353 -16.58 -21.25 17.64
C LEU B 353 -16.38 -22.55 18.41
N ALA B 354 -16.83 -23.66 17.83
CA ALA B 354 -16.59 -24.95 18.46
C ALA B 354 -15.10 -25.22 18.60
N GLU B 355 -14.36 -25.05 17.51
CA GLU B 355 -12.93 -25.37 17.54
C GLU B 355 -12.21 -24.55 18.60
N ARG B 356 -12.61 -23.29 18.79
CA ARG B 356 -12.01 -22.52 19.88
C ARG B 356 -12.23 -23.22 21.21
N ILE B 357 -13.49 -23.59 21.51
CA ILE B 357 -13.79 -24.32 22.75
C ILE B 357 -12.91 -25.57 22.87
N LEU B 358 -12.71 -26.29 21.75
CA LEU B 358 -11.86 -27.48 21.81
C LEU B 358 -10.40 -27.14 22.01
N ARG B 359 -9.93 -26.04 21.41
CA ARG B 359 -8.53 -25.69 21.53
C ARG B 359 -8.19 -25.21 22.95
N GLU B 360 -9.08 -24.44 23.57
CA GLU B 360 -8.80 -23.97 24.93
C GLU B 360 -8.86 -25.13 25.93
N LYS B 361 -9.85 -26.02 25.79
CA LYS B 361 -9.92 -27.21 26.63
C LYS B 361 -8.67 -28.06 26.49
N GLN B 362 -8.15 -28.21 25.26
CA GLN B 362 -6.91 -28.93 25.06
C GLN B 362 -5.72 -28.20 25.70
N GLU B 363 -5.76 -26.87 25.72
CA GLU B 363 -4.70 -26.10 26.37
C GLU B 363 -4.64 -26.40 27.86
N LYS B 364 -5.81 -26.49 28.50
CA LYS B 364 -5.87 -26.86 29.91
C LYS B 364 -5.29 -28.24 30.19
N GLU B 365 -5.30 -29.13 29.17
CA GLU B 365 -4.83 -30.51 29.34
C GLU B 365 -3.30 -30.63 29.32
#